data_7CC7
#
_entry.id   7CC7
#
_cell.length_a   80.025
_cell.length_b   80.025
_cell.length_c   202.893
_cell.angle_alpha   90.000
_cell.angle_beta   90.000
_cell.angle_gamma   120.000
#
_symmetry.space_group_name_H-M   'P 61 2 2'
#
loop_
_entity.id
_entity.type
_entity.pdbx_description
1 polymer 'Regulator of microtubule dynamics protein 3'
2 non-polymer 'PARA-TOLUENE SULFONATE'
3 non-polymer GLYCEROL
4 water water
#
_entity_poly.entity_id   1
_entity_poly.type   'polypeptide(L)'
_entity_poly.pdbx_seq_one_letter_code
;EDVLPLLQQADELHRGDEQGKREGFQLLLNNKLVYGSRQDFLWRLARAYSDMCELTEEVSEKKSYALDGKEEAEAALEKG
DESADCHLWYAVLCGQLAEHESIQRRIQSGFSFKEHVDKAIALQPENPMAHFLLGRWCYQVSHLSWLEKKTATALLESPL
SATVEDALQSFLKAEELQPGFSKAGRVYISKCYRELGKNSEARWWMKLALELPDVTKEDLAIQKDLEELEVILRD
;
_entity_poly.pdbx_strand_id   A
#
loop_
_chem_comp.id
_chem_comp.type
_chem_comp.name
_chem_comp.formula
GOL non-polymer GLYCEROL 'C3 H8 O3'
TSU non-polymer 'PARA-TOLUENE SULFONATE' 'C7 H8 O3 S'
#
# COMPACT_ATOMS: atom_id res chain seq x y z
N LEU A 4 -4.35 -9.71 -23.08
CA LEU A 4 -5.20 -8.91 -24.04
C LEU A 4 -4.52 -7.58 -24.38
N PRO A 5 -4.64 -7.06 -25.61
CA PRO A 5 -4.12 -5.75 -25.95
C PRO A 5 -4.63 -4.63 -25.04
N LEU A 6 -5.93 -4.63 -24.74
CA LEU A 6 -6.51 -3.66 -23.81
C LEU A 6 -5.72 -3.66 -22.49
N LEU A 7 -5.48 -4.83 -21.97
CA LEU A 7 -4.87 -4.90 -20.62
C LEU A 7 -3.41 -4.50 -20.71
N GLN A 8 -2.72 -4.76 -21.80
CA GLN A 8 -1.34 -4.25 -22.02
CA GLN A 8 -1.34 -4.25 -21.97
C GLN A 8 -1.36 -2.72 -22.04
N GLN A 9 -2.33 -2.12 -22.75
CA GLN A 9 -2.41 -0.67 -22.84
C GLN A 9 -2.66 -0.09 -21.45
N ALA A 10 -3.58 -0.67 -20.68
CA ALA A 10 -3.86 -0.26 -19.29
C ALA A 10 -2.58 -0.37 -18.43
N ASP A 11 -1.80 -1.40 -18.63
CA ASP A 11 -0.54 -1.59 -17.83
C ASP A 11 0.41 -0.45 -18.16
N GLU A 12 0.56 -0.14 -19.44
CA GLU A 12 1.45 0.96 -19.89
C GLU A 12 0.99 2.26 -19.27
N LEU A 13 -0.31 2.55 -19.30
CA LEU A 13 -0.82 3.81 -18.78
C LEU A 13 -0.66 3.87 -17.27
N HIS A 14 -0.84 2.76 -16.55
CA HIS A 14 -0.63 2.75 -15.09
C HIS A 14 0.82 3.12 -14.72
N ARG A 15 1.74 2.75 -15.58
CA ARG A 15 3.20 3.00 -15.37
C ARG A 15 3.58 4.39 -15.86
N GLY A 16 2.65 5.18 -16.41
CA GLY A 16 2.95 6.51 -16.97
C GLY A 16 2.90 7.61 -15.92
N ASP A 17 2.79 8.84 -16.40
CA ASP A 17 2.56 10.04 -15.58
C ASP A 17 1.10 10.16 -15.18
N GLU A 18 0.74 11.23 -14.47
CA GLU A 18 -0.61 11.48 -13.97
C GLU A 18 -1.59 11.41 -15.14
N GLN A 19 -1.29 12.10 -16.24
CA GLN A 19 -2.23 12.11 -17.40
C GLN A 19 -2.45 10.67 -17.88
N GLY A 20 -1.38 9.88 -18.00
CA GLY A 20 -1.47 8.49 -18.43
C GLY A 20 -2.33 7.69 -17.47
N LYS A 21 -2.14 7.83 -16.16
CA LYS A 21 -2.95 7.06 -15.19
C LYS A 21 -4.42 7.43 -15.32
N ARG A 22 -4.78 8.68 -15.55
CA ARG A 22 -6.18 9.12 -15.71
C ARG A 22 -6.73 8.49 -17.00
N GLU A 23 -5.93 8.47 -18.04
CA GLU A 23 -6.37 7.86 -19.34
C GLU A 23 -6.61 6.37 -19.10
N GLY A 24 -5.72 5.69 -18.39
CA GLY A 24 -5.89 4.25 -18.17
C GLY A 24 -7.14 3.99 -17.44
N PHE A 25 -7.53 4.76 -16.44
CA PHE A 25 -8.78 4.65 -15.71
C PHE A 25 -9.97 4.73 -16.70
N GLN A 26 -10.00 5.80 -17.47
CA GLN A 26 -11.16 5.97 -18.36
C GLN A 26 -11.20 4.88 -19.43
N LEU A 27 -10.05 4.50 -19.94
CA LEU A 27 -9.95 3.37 -20.91
C LEU A 27 -10.62 2.16 -20.35
N LEU A 28 -10.30 1.79 -19.10
CA LEU A 28 -10.89 0.58 -18.53
C LEU A 28 -12.35 0.79 -18.24
N LEU A 29 -12.76 1.94 -17.67
CA LEU A 29 -14.21 2.18 -17.43
C LEU A 29 -15.00 2.02 -18.76
N ASN A 30 -14.42 2.52 -19.82
CA ASN A 30 -15.10 2.48 -21.13
C ASN A 30 -15.31 1.07 -21.58
N ASN A 31 -14.50 0.14 -21.11
CA ASN A 31 -14.55 -1.28 -21.51
C ASN A 31 -15.21 -2.18 -20.48
N LYS A 32 -15.76 -1.67 -19.41
CA LYS A 32 -16.36 -2.51 -18.37
C LYS A 32 -17.53 -3.36 -18.88
N LEU A 33 -18.35 -2.79 -19.76
CA LEU A 33 -19.56 -3.50 -20.23
C LEU A 33 -19.10 -4.81 -20.86
N VAL A 34 -18.06 -4.78 -21.70
CA VAL A 34 -17.64 -5.98 -22.45
C VAL A 34 -16.76 -6.93 -21.63
N TYR A 35 -15.87 -6.36 -20.79
CA TYR A 35 -14.80 -7.17 -20.14
C TYR A 35 -15.01 -7.34 -18.64
N GLY A 36 -16.08 -6.85 -18.05
CA GLY A 36 -16.28 -6.87 -16.59
C GLY A 36 -16.44 -8.25 -16.00
N SER A 37 -16.63 -9.31 -16.77
CA SER A 37 -16.68 -10.69 -16.24
C SER A 37 -15.28 -11.27 -16.06
N ARG A 38 -14.21 -10.62 -16.50
CA ARG A 38 -12.86 -11.18 -16.50
C ARG A 38 -12.09 -10.69 -15.27
N GLN A 39 -11.55 -11.62 -14.53
CA GLN A 39 -10.71 -11.21 -13.37
C GLN A 39 -9.53 -10.35 -13.82
N ASP A 40 -8.88 -10.63 -14.94
CA ASP A 40 -7.65 -9.91 -15.35
C ASP A 40 -7.99 -8.45 -15.70
N PHE A 41 -9.23 -8.19 -16.14
CA PHE A 41 -9.72 -6.82 -16.35
C PHE A 41 -10.07 -6.23 -14.99
N LEU A 42 -10.81 -6.91 -14.14
CA LEU A 42 -11.35 -6.31 -12.90
C LEU A 42 -10.23 -5.81 -11.99
N TRP A 43 -9.20 -6.61 -11.79
CA TRP A 43 -8.17 -6.09 -10.85
C TRP A 43 -7.48 -4.89 -11.43
N ARG A 44 -7.33 -4.81 -12.76
CA ARG A 44 -6.70 -3.64 -13.40
C ARG A 44 -7.63 -2.41 -13.27
N LEU A 45 -8.93 -2.60 -13.33
CA LEU A 45 -9.86 -1.48 -13.12
C LEU A 45 -9.72 -1.02 -11.67
N ALA A 46 -9.66 -1.96 -10.72
CA ALA A 46 -9.47 -1.66 -9.29
C ALA A 46 -8.19 -0.85 -9.14
N ARG A 47 -7.10 -1.32 -9.73
CA ARG A 47 -5.80 -0.65 -9.68
C ARG A 47 -5.95 0.78 -10.17
N ALA A 48 -6.71 0.99 -11.28
CA ALA A 48 -6.84 2.35 -11.83
C ALA A 48 -7.66 3.20 -10.90
N TYR A 49 -8.70 2.71 -10.25
CA TYR A 49 -9.39 3.44 -9.19
C TYR A 49 -8.36 3.85 -8.12
N SER A 50 -7.44 2.95 -7.77
CA SER A 50 -6.45 3.24 -6.70
C SER A 50 -5.54 4.35 -7.18
N ASP A 51 -5.12 4.35 -8.44
CA ASP A 51 -4.35 5.43 -9.04
C ASP A 51 -5.13 6.72 -8.86
N MET A 52 -6.40 6.74 -9.24
CA MET A 52 -7.22 7.99 -9.16
C MET A 52 -7.32 8.47 -7.72
N CYS A 53 -7.49 7.59 -6.77
CA CYS A 53 -7.58 7.94 -5.33
C CYS A 53 -6.27 8.61 -4.94
N GLU A 54 -5.13 8.07 -5.33
CA GLU A 54 -3.81 8.63 -4.94
C GLU A 54 -3.62 10.02 -5.56
N LEU A 55 -4.00 10.23 -6.81
CA LEU A 55 -3.74 11.50 -7.55
C LEU A 55 -4.69 12.60 -7.10
N THR A 56 -5.79 12.28 -6.49
CA THR A 56 -6.89 13.21 -6.18
C THR A 56 -6.65 13.88 -4.83
N GLU A 57 -6.96 15.18 -4.73
CA GLU A 57 -6.79 15.95 -3.46
C GLU A 57 -8.14 16.09 -2.77
N GLU A 58 -9.17 16.40 -3.53
CA GLU A 58 -10.50 16.68 -2.95
C GLU A 58 -10.98 15.42 -2.22
N VAL A 59 -11.31 15.57 -0.94
CA VAL A 59 -11.50 14.42 -0.03
C VAL A 59 -12.68 13.57 -0.46
N SER A 60 -13.86 14.12 -0.83
CA SER A 60 -15.05 13.28 -1.14
C SER A 60 -14.75 12.51 -2.44
N GLU A 61 -14.06 13.14 -3.37
CA GLU A 61 -13.71 12.52 -4.67
C GLU A 61 -12.70 11.39 -4.39
N LYS A 62 -11.69 11.62 -3.56
CA LYS A 62 -10.68 10.57 -3.24
C LYS A 62 -11.38 9.38 -2.62
N LYS A 63 -12.29 9.60 -1.68
CA LYS A 63 -13.04 8.54 -1.00
C LYS A 63 -13.85 7.73 -2.03
N SER A 64 -14.48 8.43 -2.97
CA SER A 64 -15.33 7.78 -4.00
C SER A 64 -14.50 6.78 -4.83
N TYR A 65 -13.34 7.20 -5.24
CA TYR A 65 -12.43 6.32 -6.01
C TYR A 65 -12.10 5.08 -5.19
N ALA A 66 -11.80 5.27 -3.88
CA ALA A 66 -11.39 4.12 -3.09
C ALA A 66 -12.59 3.22 -2.89
N LEU A 67 -13.78 3.75 -2.62
CA LEU A 67 -14.99 2.93 -2.40
C LEU A 67 -15.34 2.14 -3.68
N ASP A 68 -15.36 2.82 -4.81
CA ASP A 68 -15.78 2.14 -6.07
C ASP A 68 -14.68 1.16 -6.51
N GLY A 69 -13.41 1.52 -6.29
CA GLY A 69 -12.31 0.61 -6.62
C GLY A 69 -12.38 -0.66 -5.80
N LYS A 70 -12.67 -0.49 -4.48
CA LYS A 70 -12.74 -1.66 -3.58
C LYS A 70 -13.82 -2.62 -4.07
N GLU A 71 -14.95 -2.09 -4.57
CA GLU A 71 -16.04 -2.97 -5.08
C GLU A 71 -15.58 -3.73 -6.33
N GLU A 72 -14.79 -3.11 -7.18
CA GLU A 72 -14.26 -3.82 -8.36
C GLU A 72 -13.26 -4.90 -7.94
N ALA A 73 -12.40 -4.57 -6.95
CA ALA A 73 -11.44 -5.55 -6.43
C ALA A 73 -12.19 -6.74 -5.81
N GLU A 74 -13.27 -6.50 -5.11
CA GLU A 74 -14.12 -7.58 -4.52
C GLU A 74 -14.68 -8.45 -5.64
N ALA A 75 -15.11 -7.82 -6.76
CA ALA A 75 -15.62 -8.59 -7.92
C ALA A 75 -14.50 -9.41 -8.55
N ALA A 76 -13.27 -8.90 -8.60
CA ALA A 76 -12.13 -9.66 -9.10
C ALA A 76 -11.92 -10.90 -8.19
N LEU A 77 -11.93 -10.68 -6.89
CA LEU A 77 -11.68 -11.81 -5.95
C LEU A 77 -12.81 -12.85 -6.03
N GLU A 78 -14.02 -12.45 -6.42
CA GLU A 78 -15.14 -13.45 -6.55
C GLU A 78 -14.82 -14.45 -7.68
N LYS A 79 -14.01 -14.07 -8.66
CA LYS A 79 -13.61 -14.94 -9.80
C LYS A 79 -12.61 -16.02 -9.39
N GLY A 80 -11.92 -15.87 -8.28
CA GLY A 80 -10.91 -16.86 -7.91
C GLY A 80 -9.95 -16.28 -6.91
N ASP A 81 -9.43 -17.15 -6.06
CA ASP A 81 -8.62 -16.72 -4.91
C ASP A 81 -7.14 -16.79 -5.21
N GLU A 82 -6.65 -17.16 -6.39
CA GLU A 82 -5.23 -17.51 -6.65
C GLU A 82 -4.51 -16.41 -7.42
N SER A 83 -5.08 -15.18 -7.46
CA SER A 83 -4.43 -14.06 -8.14
C SER A 83 -3.79 -13.08 -7.11
N ALA A 84 -2.47 -13.02 -7.12
CA ALA A 84 -1.76 -12.10 -6.22
C ALA A 84 -2.20 -10.66 -6.51
N ASP A 85 -2.41 -10.32 -7.79
CA ASP A 85 -2.76 -8.94 -8.16
C ASP A 85 -4.10 -8.56 -7.56
N CYS A 86 -5.09 -9.44 -7.57
CA CYS A 86 -6.40 -9.22 -6.95
C CYS A 86 -6.27 -8.92 -5.45
N HIS A 87 -5.51 -9.75 -4.73
CA HIS A 87 -5.35 -9.56 -3.28
C HIS A 87 -4.56 -8.26 -2.98
N LEU A 88 -3.55 -7.98 -3.75
CA LEU A 88 -2.69 -6.79 -3.56
C LEU A 88 -3.55 -5.51 -3.67
N TRP A 89 -4.30 -5.40 -4.80
CA TRP A 89 -5.01 -4.14 -5.06
C TRP A 89 -6.21 -4.04 -4.15
N TYR A 90 -6.86 -5.14 -3.77
CA TYR A 90 -7.89 -5.10 -2.73
C TYR A 90 -7.29 -4.51 -1.44
N ALA A 91 -6.13 -5.02 -1.02
CA ALA A 91 -5.50 -4.47 0.20
C ALA A 91 -5.23 -2.96 0.03
N VAL A 92 -4.63 -2.57 -1.05
CA VAL A 92 -4.32 -1.12 -1.26
C VAL A 92 -5.60 -0.32 -1.08
N LEU A 93 -6.67 -0.67 -1.80
CA LEU A 93 -7.92 0.11 -1.73
C LEU A 93 -8.55 0.07 -0.36
N CYS A 94 -8.41 -1.06 0.34
CA CYS A 94 -8.87 -1.22 1.73
CA CYS A 94 -8.90 -1.19 1.74
C CYS A 94 -8.23 -0.12 2.58
N GLY A 95 -6.91 0.01 2.45
CA GLY A 95 -6.15 1.03 3.17
C GLY A 95 -6.52 2.44 2.76
N GLN A 96 -6.71 2.69 1.46
CA GLN A 96 -7.05 4.03 1.00
C GLN A 96 -8.44 4.40 1.50
N LEU A 97 -9.41 3.50 1.52
CA LEU A 97 -10.77 3.78 1.99
C LEU A 97 -10.72 4.06 3.48
N ALA A 98 -9.87 3.34 4.22
CA ALA A 98 -9.91 3.42 5.70
C ALA A 98 -9.27 4.73 6.15
N GLU A 99 -8.50 5.41 5.30
CA GLU A 99 -8.01 6.78 5.58
C GLU A 99 -9.33 7.55 5.76
N SER A 102 -13.14 6.28 10.90
CA SER A 102 -13.44 5.94 12.33
C SER A 102 -12.54 4.78 12.79
N ILE A 103 -12.24 4.68 14.09
CA ILE A 103 -11.35 3.61 14.62
C ILE A 103 -11.98 2.24 14.33
N GLN A 104 -13.31 2.09 14.47
CA GLN A 104 -14.00 0.80 14.27
C GLN A 104 -13.78 0.37 12.82
N ARG A 105 -13.92 1.33 11.91
CA ARG A 105 -13.79 1.04 10.45
C ARG A 105 -12.32 0.77 10.13
N ARG A 106 -11.39 1.54 10.68
CA ARG A 106 -9.94 1.32 10.45
C ARG A 106 -9.59 -0.07 10.97
N ILE A 107 -10.17 -0.51 12.09
CA ILE A 107 -9.80 -1.83 12.65
C ILE A 107 -10.28 -2.92 11.71
N GLN A 108 -11.52 -2.86 11.26
CA GLN A 108 -12.07 -3.95 10.41
C GLN A 108 -11.30 -3.96 9.08
N SER A 109 -11.04 -2.77 8.52
CA SER A 109 -10.23 -2.61 7.30
C SER A 109 -8.83 -3.12 7.51
N GLY A 110 -8.26 -2.86 8.69
CA GLY A 110 -6.89 -3.30 8.98
C GLY A 110 -6.80 -4.79 9.05
N PHE A 111 -7.81 -5.47 9.60
CA PHE A 111 -7.84 -6.95 9.64
C PHE A 111 -7.87 -7.48 8.20
N SER A 112 -8.73 -6.91 7.36
CA SER A 112 -8.90 -7.34 5.96
C SER A 112 -7.61 -7.11 5.15
N PHE A 113 -7.04 -5.95 5.34
CA PHE A 113 -5.75 -5.58 4.73
C PHE A 113 -4.71 -6.68 4.98
N LYS A 114 -4.56 -7.05 6.26
CA LYS A 114 -3.51 -8.04 6.64
C LYS A 114 -3.75 -9.39 5.99
N GLU A 115 -4.99 -9.87 5.99
CA GLU A 115 -5.30 -11.13 5.34
C GLU A 115 -4.92 -11.13 3.85
N HIS A 116 -5.28 -10.04 3.15
CA HIS A 116 -5.09 -10.02 1.70
C HIS A 116 -3.64 -9.74 1.33
N VAL A 117 -2.93 -8.89 2.09
CA VAL A 117 -1.50 -8.67 1.75
C VAL A 117 -0.72 -9.98 2.00
N ASP A 118 -1.06 -10.67 3.06
CA ASP A 118 -0.37 -11.97 3.35
C ASP A 118 -0.62 -12.95 2.23
N LYS A 119 -1.84 -12.95 1.66
CA LYS A 119 -2.15 -13.88 0.55
C LYS A 119 -1.38 -13.44 -0.68
N ALA A 120 -1.28 -12.13 -0.97
CA ALA A 120 -0.52 -11.66 -2.13
C ALA A 120 0.93 -12.14 -2.02
N ILE A 121 1.54 -11.98 -0.84
CA ILE A 121 2.93 -12.43 -0.57
C ILE A 121 3.03 -13.94 -0.74
N ALA A 122 2.09 -14.69 -0.23
CA ALA A 122 2.12 -16.17 -0.38
C ALA A 122 2.08 -16.55 -1.86
N LEU A 123 1.23 -15.87 -2.66
CA LEU A 123 1.09 -16.21 -4.08
C LEU A 123 2.26 -15.72 -4.90
N GLN A 124 2.82 -14.55 -4.58
CA GLN A 124 3.85 -13.91 -5.42
C GLN A 124 4.86 -13.27 -4.48
N PRO A 125 5.73 -14.07 -3.87
CA PRO A 125 6.64 -13.54 -2.87
C PRO A 125 7.71 -12.60 -3.39
N GLU A 126 7.95 -12.59 -4.68
CA GLU A 126 9.01 -11.75 -5.27
C GLU A 126 8.53 -10.32 -5.63
N ASN A 127 7.27 -9.97 -5.33
CA ASN A 127 6.69 -8.61 -5.59
C ASN A 127 7.08 -7.73 -4.39
N PRO A 128 7.89 -6.68 -4.63
CA PRO A 128 8.32 -5.82 -3.51
C PRO A 128 7.14 -5.05 -2.92
N MET A 129 6.19 -4.60 -3.72
CA MET A 129 5.10 -3.72 -3.20
C MET A 129 4.40 -4.40 -2.03
N ALA A 130 4.06 -5.70 -2.10
CA ALA A 130 3.30 -6.32 -1.01
C ALA A 130 4.10 -6.26 0.30
N HIS A 131 5.40 -6.48 0.19
CA HIS A 131 6.25 -6.43 1.40
C HIS A 131 6.26 -5.01 1.96
N PHE A 132 6.37 -3.99 1.15
CA PHE A 132 6.33 -2.61 1.60
C PHE A 132 4.99 -2.38 2.31
N LEU A 133 3.88 -2.77 1.71
CA LEU A 133 2.56 -2.58 2.30
C LEU A 133 2.43 -3.22 3.67
N LEU A 134 2.94 -4.44 3.79
CA LEU A 134 2.90 -5.16 5.08
C LEU A 134 3.84 -4.47 6.07
N GLY A 135 4.96 -3.95 5.66
CA GLY A 135 5.84 -3.24 6.61
C GLY A 135 5.08 -2.05 7.17
N ARG A 136 4.42 -1.27 6.34
CA ARG A 136 3.73 -0.06 6.79
C ARG A 136 2.58 -0.45 7.69
N TRP A 137 1.83 -1.51 7.40
CA TRP A 137 0.76 -2.05 8.26
C TRP A 137 1.35 -2.37 9.64
N CYS A 138 2.44 -3.10 9.66
CA CYS A 138 3.02 -3.52 10.95
C CYS A 138 3.45 -2.27 11.73
N TYR A 139 4.05 -1.29 11.13
CA TYR A 139 4.50 -0.05 11.77
C TYR A 139 3.30 0.67 12.37
N GLN A 140 2.24 0.76 11.60
CA GLN A 140 1.01 1.44 12.07
C GLN A 140 0.47 0.65 13.25
N VAL A 141 0.38 -0.64 13.18
CA VAL A 141 -0.21 -1.46 14.27
C VAL A 141 0.66 -1.28 15.51
N SER A 142 1.97 -1.31 15.40
CA SER A 142 2.85 -1.21 16.58
C SER A 142 2.62 0.13 17.24
N HIS A 143 2.30 1.17 16.49
CA HIS A 143 2.14 2.55 16.97
C HIS A 143 0.69 2.89 17.44
N LEU A 144 -0.22 1.94 17.39
CA LEU A 144 -1.59 2.16 17.92
C LEU A 144 -1.43 2.54 19.39
N SER A 145 -2.27 3.46 19.85
CA SER A 145 -2.33 3.79 21.28
C SER A 145 -2.88 2.62 22.08
N TRP A 146 -2.60 2.66 23.42
CA TRP A 146 -3.12 1.63 24.30
C TRP A 146 -4.64 1.45 24.11
N LEU A 147 -5.34 2.57 24.02
CA LEU A 147 -6.83 2.54 23.88
C LEU A 147 -7.24 1.95 22.53
N GLU A 148 -6.55 2.34 21.45
CA GLU A 148 -6.86 1.80 20.11
C GLU A 148 -6.63 0.30 20.07
N LYS A 149 -5.53 -0.17 20.69
CA LYS A 149 -5.30 -1.63 20.79
C LYS A 149 -6.41 -2.29 21.58
N LYS A 150 -6.83 -1.71 22.72
CA LYS A 150 -7.87 -2.34 23.57
C LYS A 150 -9.17 -2.50 22.74
N THR A 151 -9.47 -1.46 21.99
CA THR A 151 -10.66 -1.38 21.10
C THR A 151 -10.54 -2.44 20.00
N ALA A 152 -9.37 -2.58 19.36
CA ALA A 152 -9.17 -3.62 18.34
C ALA A 152 -9.28 -5.02 18.94
N THR A 153 -8.71 -5.26 20.11
CA THR A 153 -8.73 -6.61 20.73
C THR A 153 -10.19 -7.02 20.99
N ALA A 154 -11.03 -6.08 21.40
CA ALA A 154 -12.47 -6.33 21.70
C ALA A 154 -13.23 -6.65 20.41
N LEU A 155 -12.95 -5.92 19.32
CA LEU A 155 -13.72 -6.02 18.05
C LEU A 155 -13.30 -7.26 17.25
N LEU A 156 -12.02 -7.66 17.26
CA LEU A 156 -11.48 -8.74 16.39
C LEU A 156 -11.49 -10.09 17.15
N SER A 158 -8.90 -11.88 17.76
CA SER A 158 -7.50 -12.02 18.26
C SER A 158 -6.89 -10.65 18.54
N PRO A 159 -6.02 -10.54 19.55
CA PRO A 159 -5.31 -9.28 19.81
C PRO A 159 -4.34 -8.97 18.66
N LEU A 160 -4.03 -7.68 18.47
CA LEU A 160 -2.96 -7.23 17.55
C LEU A 160 -1.63 -7.24 18.28
N SER A 161 -0.55 -7.59 17.61
CA SER A 161 0.77 -7.72 18.26
C SER A 161 1.88 -7.54 17.24
N ALA A 162 1.58 -6.99 16.04
CA ALA A 162 2.68 -6.67 15.10
C ALA A 162 3.66 -5.75 15.76
N THR A 163 4.93 -5.89 15.40
CA THR A 163 6.04 -5.17 16.04
C THR A 163 6.88 -4.33 15.07
N VAL A 164 7.68 -3.41 15.55
CA VAL A 164 8.65 -2.63 14.79
C VAL A 164 9.59 -3.61 14.07
N GLU A 165 10.11 -4.64 14.71
CA GLU A 165 10.95 -5.66 14.04
C GLU A 165 10.19 -6.31 12.88
N ASP A 166 8.93 -6.67 13.05
CA ASP A 166 8.11 -7.24 11.95
C ASP A 166 8.08 -6.20 10.82
N ALA A 167 7.86 -4.94 11.12
CA ALA A 167 7.81 -3.90 10.08
C ALA A 167 9.13 -3.84 9.33
N LEU A 168 10.24 -3.78 10.07
CA LEU A 168 11.59 -3.63 9.52
C LEU A 168 11.87 -4.80 8.57
N GLN A 169 11.57 -6.02 8.98
CA GLN A 169 11.89 -7.21 8.16
C GLN A 169 11.13 -7.09 6.83
N SER A 170 9.89 -6.61 6.83
CA SER A 170 9.09 -6.50 5.59
C SER A 170 9.65 -5.38 4.73
N PHE A 171 9.97 -4.21 5.27
CA PHE A 171 10.56 -3.14 4.48
C PHE A 171 11.89 -3.58 3.87
N LEU A 172 12.73 -4.29 4.65
CA LEU A 172 14.01 -4.77 4.11
C LEU A 172 13.75 -5.79 3.01
N LYS A 173 12.71 -6.58 3.10
CA LYS A 173 12.46 -7.56 2.01
C LYS A 173 12.06 -6.83 0.75
N ALA A 174 11.37 -5.69 0.82
CA ALA A 174 11.09 -4.92 -0.40
C ALA A 174 12.39 -4.43 -1.00
N GLU A 175 13.31 -3.93 -0.21
CA GLU A 175 14.64 -3.46 -0.66
C GLU A 175 15.41 -4.61 -1.27
N GLU A 176 15.37 -5.78 -0.69
CA GLU A 176 16.13 -6.93 -1.24
C GLU A 176 15.56 -7.29 -2.61
N LEU A 177 14.26 -7.24 -2.79
CA LEU A 177 13.66 -7.64 -4.10
C LEU A 177 13.88 -6.54 -5.10
N GLN A 178 13.85 -5.28 -4.72
CA GLN A 178 14.04 -4.15 -5.65
C GLN A 178 14.72 -3.00 -4.93
N PRO A 179 16.06 -2.94 -4.95
CA PRO A 179 16.76 -1.89 -4.25
C PRO A 179 16.19 -0.53 -4.61
N GLY A 180 15.99 0.33 -3.64
CA GLY A 180 15.42 1.67 -3.86
C GLY A 180 13.94 1.66 -4.14
N PHE A 181 13.24 0.59 -3.75
CA PHE A 181 11.83 0.42 -4.12
C PHE A 181 11.03 1.69 -3.77
N SER A 182 11.22 2.22 -2.55
CA SER A 182 10.36 3.26 -1.97
C SER A 182 11.15 4.25 -1.12
N LYS A 183 11.08 5.54 -1.40
CA LYS A 183 11.67 6.56 -0.53
C LYS A 183 11.01 6.46 0.87
N ALA A 184 9.71 6.43 0.97
CA ALA A 184 9.00 6.30 2.25
C ALA A 184 9.52 5.05 2.95
N GLY A 185 9.67 3.94 2.26
CA GLY A 185 10.18 2.70 2.86
C GLY A 185 11.52 2.92 3.51
N ARG A 186 12.47 3.62 2.90
CA ARG A 186 13.77 3.88 3.49
C ARG A 186 13.60 4.73 4.75
N VAL A 187 12.69 5.72 4.74
CA VAL A 187 12.47 6.52 5.97
C VAL A 187 11.89 5.61 7.04
N TYR A 188 10.95 4.74 6.74
CA TYR A 188 10.40 3.82 7.72
C TYR A 188 11.49 2.87 8.26
N ILE A 189 12.39 2.40 7.42
CA ILE A 189 13.50 1.54 7.92
C ILE A 189 14.30 2.33 8.93
N SER A 190 14.66 3.58 8.63
CA SER A 190 15.45 4.42 9.54
C SER A 190 14.68 4.62 10.84
N LYS A 191 13.41 4.92 10.79
CA LYS A 191 12.56 5.06 12.01
C LYS A 191 12.61 3.78 12.81
N CYS A 192 12.42 2.64 12.17
CA CYS A 192 12.40 1.36 12.88
C CYS A 192 13.73 1.18 13.64
N TYR A 193 14.86 1.33 12.95
CA TYR A 193 16.15 1.19 13.61
C TYR A 193 16.27 2.17 14.77
N ARG A 194 15.90 3.41 14.59
CA ARG A 194 16.01 4.37 15.74
C ARG A 194 15.17 3.83 16.87
N GLU A 195 13.96 3.36 16.65
CA GLU A 195 12.99 2.91 17.67
C GLU A 195 13.52 1.62 18.36
N LEU A 196 14.42 0.88 17.72
CA LEU A 196 15.07 -0.30 18.28
C LEU A 196 16.31 0.07 19.07
N GLY A 197 16.75 1.29 19.02
CA GLY A 197 18.01 1.71 19.67
C GLY A 197 19.22 1.42 18.86
N LYS A 198 19.06 1.26 17.57
CA LYS A 198 20.16 0.94 16.65
C LYS A 198 20.49 2.16 15.81
N ASN A 199 21.15 3.16 16.39
CA ASN A 199 21.31 4.45 15.76
C ASN A 199 22.27 4.39 14.57
N SER A 200 23.29 3.55 14.55
CA SER A 200 24.23 3.44 13.42
CA SER A 200 24.22 3.50 13.40
C SER A 200 23.45 3.01 12.16
N GLU A 201 22.63 2.00 12.32
CA GLU A 201 21.80 1.50 11.21
C GLU A 201 20.80 2.56 10.81
N ALA A 202 20.20 3.24 11.79
CA ALA A 202 19.26 4.31 11.46
C ALA A 202 19.96 5.40 10.63
N ARG A 203 21.17 5.79 10.98
CA ARG A 203 21.89 6.81 10.21
C ARG A 203 22.23 6.34 8.81
N TRP A 204 22.56 5.07 8.67
CA TRP A 204 22.84 4.48 7.34
C TRP A 204 21.61 4.66 6.46
N TRP A 205 20.44 4.24 6.98
CA TRP A 205 19.22 4.29 6.16
C TRP A 205 18.70 5.71 5.96
N MET A 206 18.95 6.60 6.90
CA MET A 206 18.64 8.04 6.68
C MET A 206 19.43 8.55 5.47
N LYS A 207 20.71 8.24 5.38
CA LYS A 207 21.54 8.64 4.24
C LYS A 207 20.97 8.03 2.94
N LEU A 208 20.61 6.75 2.96
CA LEU A 208 20.08 6.15 1.73
C LEU A 208 18.70 6.71 1.37
N ALA A 209 17.86 7.06 2.35
CA ALA A 209 16.55 7.65 2.07
C ALA A 209 16.71 8.99 1.33
N LEU A 210 17.72 9.74 1.69
CA LEU A 210 17.98 11.08 1.08
C LEU A 210 18.37 10.89 -0.38
N GLU A 211 18.76 9.69 -0.84
CA GLU A 211 19.22 9.44 -2.24
C GLU A 211 18.05 9.27 -3.20
N LEU A 212 16.82 9.03 -2.75
CA LEU A 212 15.71 8.61 -3.64
C LEU A 212 14.78 9.78 -3.95
N PRO A 213 14.18 9.79 -5.14
CA PRO A 213 13.18 10.79 -5.46
C PRO A 213 11.81 10.50 -4.86
N ASP A 214 10.96 11.53 -4.79
CA ASP A 214 9.55 11.41 -4.38
C ASP A 214 8.69 10.91 -5.53
N VAL A 215 7.87 9.92 -5.27
CA VAL A 215 6.93 9.38 -6.29
C VAL A 215 5.49 9.45 -5.80
N THR A 216 5.22 9.20 -4.53
CA THR A 216 3.89 9.22 -3.93
C THR A 216 3.71 10.46 -3.05
N LYS A 217 2.47 10.73 -2.73
CA LYS A 217 2.11 11.78 -1.75
C LYS A 217 2.80 11.44 -0.43
N GLU A 218 2.83 10.17 -0.02
CA GLU A 218 3.46 9.83 1.27
C GLU A 218 4.95 10.11 1.16
N ASP A 219 5.65 9.84 0.08
CA ASP A 219 7.07 10.21 -0.08
C ASP A 219 7.28 11.68 0.31
N LEU A 220 6.43 12.58 -0.20
CA LEU A 220 6.56 14.02 0.07
C LEU A 220 6.23 14.29 1.53
N ALA A 221 5.21 13.72 2.09
CA ALA A 221 4.77 13.94 3.48
C ALA A 221 5.84 13.46 4.46
N ILE A 222 6.43 12.29 4.22
CA ILE A 222 7.34 11.67 5.24
C ILE A 222 8.69 12.37 5.19
N GLN A 223 8.97 13.26 4.25
CA GLN A 223 10.21 14.08 4.24
C GLN A 223 10.28 14.85 5.58
N LYS A 224 9.15 15.19 6.19
CA LYS A 224 9.13 15.86 7.50
C LYS A 224 9.82 14.95 8.52
N ASP A 225 9.39 13.67 8.58
CA ASP A 225 9.93 12.67 9.52
C ASP A 225 11.42 12.51 9.23
N LEU A 226 11.85 12.50 7.96
CA LEU A 226 13.26 12.33 7.58
C LEU A 226 14.11 13.50 8.07
N GLU A 227 13.59 14.72 7.96
CA GLU A 227 14.30 15.91 8.50
C GLU A 227 14.36 15.83 10.02
N GLU A 228 13.35 15.31 10.70
CA GLU A 228 13.35 15.14 12.17
C GLU A 228 14.42 14.11 12.54
N LEU A 229 14.54 13.01 11.77
CA LEU A 229 15.63 12.05 12.06
C LEU A 229 17.00 12.67 11.92
N GLU A 230 17.22 13.57 10.97
CA GLU A 230 18.53 14.22 10.74
C GLU A 230 18.88 15.01 12.01
N VAL A 231 17.89 15.51 12.74
CA VAL A 231 18.14 16.22 14.02
C VAL A 231 18.35 15.22 15.15
N ILE A 232 17.42 14.25 15.32
CA ILE A 232 17.42 13.23 16.41
C ILE A 232 18.78 12.52 16.36
N LEU A 233 19.29 12.15 15.18
CA LEU A 233 20.48 11.26 15.02
C LEU A 233 21.74 12.09 14.90
S TSU B . -9.98 10.30 -22.26
O1 TSU B . -9.14 11.08 -21.38
O2 TSU B . -11.17 9.95 -21.68
O3 TSU B . -10.44 11.03 -23.43
C1 TSU B . -9.07 8.96 -22.83
C2 TSU B . -9.54 7.67 -22.65
C3 TSU B . -8.79 6.63 -23.15
C4 TSU B . -7.58 6.78 -23.78
C5 TSU B . -7.15 8.08 -23.96
C6 TSU B . -7.89 9.14 -23.52
C7 TSU B . -6.80 5.60 -24.29
S TSU C . -4.81 2.28 11.54
O1 TSU C . -5.60 2.95 12.56
O2 TSU C . -3.37 2.69 11.64
O3 TSU C . -5.38 2.57 10.22
C1 TSU C . -4.99 0.55 11.80
C2 TSU C . -5.87 0.08 12.75
C3 TSU C . -6.00 -1.29 12.93
C4 TSU C . -5.27 -2.19 12.17
C5 TSU C . -4.41 -1.67 11.21
C6 TSU C . -4.28 -0.33 10.99
C7 TSU C . -5.42 -3.68 12.33
C1 GOL D . -5.04 -0.87 6.79
O1 GOL D . -6.37 -0.40 6.50
C2 GOL D . -3.98 0.08 6.27
O2 GOL D . -3.99 1.31 7.00
C3 GOL D . -2.58 -0.54 6.33
O3 GOL D . -1.63 0.34 5.81
#